data_6VA3
#
_entry.id   6VA3
#
loop_
_entity.id
_entity.type
_entity.pdbx_description
1 polymer "RNA (5'-R(*CP*CP*GP*GP*CP*AP*GP*UP*GP*UP*G)-3')"
2 polymer "RNA (5'-R(*CP*AP*CP*AP*CP*GP*UP*CP*GP*G)-3')"
3 non-polymer 4-[(3-methoxyphenyl)amino]-2-methylquinoline-6-carboximidamide
#
loop_
_entity_poly.entity_id
_entity_poly.type
_entity_poly.pdbx_seq_one_letter_code
_entity_poly.pdbx_strand_id
1 'polyribonucleotide' CCGGCAGUGUG A
2 'polyribonucleotide' CACACGUCGG B
#